data_1P28
#
_entry.id   1P28
#
_cell.length_a   38.217
_cell.length_b   62.210
_cell.length_c   45.117
_cell.angle_alpha   90.00
_cell.angle_beta   92.47
_cell.angle_gamma   90.00
#
_symmetry.space_group_name_H-M   'P 1 21 1'
#
loop_
_entity.id
_entity.type
_entity.pdbx_description
1 polymer 'pheromone binding protein'
2 non-polymer S,3-HYDROXYBUTAN-2-ONE
3 non-polymer R,3-HYDROXYBUTAN-2-ONE
4 water water
#
_entity_poly.entity_id   1
_entity_poly.type   'polypeptide(L)'
_entity_poly.pdbx_seq_one_letter_code
;MDIGINSDPNSSTQSYKDAMGPLVRECMGSVSATEDDFKTVLNRNPLESRTAQCLLACALDKVGLISPEGAIYTGDDLMP
VMNRLYGFNDFKTVMKAKAVNDCANQVNGAYPDRCDLIKNFTDCVRNSY
;
_entity_poly.pdbx_strand_id   A,B
#
loop_
_chem_comp.id
_chem_comp.type
_chem_comp.name
_chem_comp.formula
HBR non-polymer R,3-HYDROXYBUTAN-2-ONE 'C4 H8 O2'
HBS non-polymer S,3-HYDROXYBUTAN-2-ONE 'C4 H8 O2'
#
# COMPACT_ATOMS: atom_id res chain seq x y z
N ASN A 10 -6.29 8.48 -16.67
CA ASN A 10 -7.56 7.77 -16.33
C ASN A 10 -8.49 8.48 -15.30
N SER A 11 -9.75 8.54 -15.68
CA SER A 11 -10.70 9.51 -15.17
C SER A 11 -11.14 9.20 -13.75
N SER A 12 -11.43 7.94 -13.48
CA SER A 12 -11.86 7.57 -12.14
C SER A 12 -10.77 7.68 -11.09
N THR A 13 -9.54 7.35 -11.43
CA THR A 13 -8.42 7.53 -10.53
C THR A 13 -8.30 9.00 -10.18
N GLN A 14 -8.39 9.87 -11.19
CA GLN A 14 -8.28 11.31 -10.93
C GLN A 14 -9.43 11.83 -10.09
N SER A 15 -10.67 11.48 -10.42
CA SER A 15 -11.78 12.10 -9.71
C SER A 15 -11.77 11.67 -8.23
N TYR A 16 -11.39 10.42 -8.00
CA TYR A 16 -11.27 9.94 -6.62
C TYR A 16 -10.29 10.81 -5.84
N LYS A 17 -9.14 11.06 -6.44
CA LYS A 17 -8.13 11.87 -5.79
C LYS A 17 -8.64 13.29 -5.54
N ASP A 18 -9.37 13.87 -6.50
CA ASP A 18 -9.88 15.23 -6.40
C ASP A 18 -10.79 15.37 -5.18
N ALA A 19 -11.69 14.40 -4.99
CA ALA A 19 -12.66 14.46 -3.90
C ALA A 19 -12.02 14.07 -2.56
N MET A 20 -11.20 13.04 -2.58
CA MET A 20 -10.73 12.47 -1.32
C MET A 20 -9.49 13.17 -0.78
N GLY A 21 -8.65 13.67 -1.65
CA GLY A 21 -7.39 14.27 -1.22
C GLY A 21 -7.56 15.26 -0.05
N PRO A 22 -8.42 16.26 -0.18
CA PRO A 22 -8.63 17.21 0.91
C PRO A 22 -9.19 16.59 2.18
N LEU A 23 -10.02 15.56 2.03
CA LEU A 23 -10.60 14.90 3.18
C LEU A 23 -9.55 14.08 3.93
N VAL A 24 -8.71 13.38 3.19
CA VAL A 24 -7.61 12.62 3.77
C VAL A 24 -6.65 13.56 4.51
N ARG A 25 -6.31 14.66 3.88
CA ARG A 25 -5.49 15.67 4.53
C ARG A 25 -6.12 16.15 5.85
N GLU A 26 -7.43 16.45 5.84
CA GLU A 26 -8.13 16.86 7.06
C GLU A 26 -7.97 15.83 8.16
N CYS A 27 -7.93 14.55 7.79
CA CYS A 27 -7.97 13.44 8.71
C CYS A 27 -6.60 13.03 9.23
N MET A 28 -5.53 13.48 8.59
CA MET A 28 -4.21 12.93 8.91
C MET A 28 -3.83 13.06 10.38
N GLY A 29 -3.96 14.24 10.94
CA GLY A 29 -3.54 14.45 12.33
C GLY A 29 -4.23 13.53 13.32
N SER A 30 -5.51 13.27 13.06
CA SER A 30 -6.32 12.47 13.96
C SER A 30 -5.81 11.03 14.10
N VAL A 31 -5.06 10.53 13.10
CA VAL A 31 -4.54 9.18 13.13
C VAL A 31 -3.00 9.19 13.07
N SER A 32 -2.41 10.35 13.27
CA SER A 32 -0.97 10.55 13.20
C SER A 32 -0.36 10.04 11.89
N ALA A 33 -1.12 10.21 10.81
CA ALA A 33 -0.65 9.76 9.49
C ALA A 33 0.56 10.51 8.98
N THR A 34 1.39 9.81 8.21
CA THR A 34 2.47 10.41 7.47
C THR A 34 2.05 10.68 6.03
N GLU A 35 2.93 11.35 5.30
CA GLU A 35 2.69 11.59 3.90
C GLU A 35 2.55 10.29 3.11
N ASP A 36 3.32 9.29 3.50
CA ASP A 36 3.20 8.02 2.83
C ASP A 36 1.81 7.35 3.04
N ASP A 37 1.24 7.53 4.21
CA ASP A 37 -0.10 7.04 4.50
C ASP A 37 -1.11 7.77 3.63
N PHE A 38 -0.94 9.09 3.49
CA PHE A 38 -1.80 9.85 2.58
C PHE A 38 -1.75 9.25 1.19
N LYS A 39 -0.54 8.98 0.69
CA LYS A 39 -0.39 8.48 -0.64
C LYS A 39 -0.99 7.08 -0.81
N THR A 40 -0.88 6.25 0.22
CA THR A 40 -1.44 4.88 0.16
C THR A 40 -2.92 4.94 -0.12
N VAL A 41 -3.58 5.84 0.62
CA VAL A 41 -5.01 6.01 0.55
C VAL A 41 -5.41 6.65 -0.80
N LEU A 42 -4.66 7.67 -1.21
CA LEU A 42 -4.98 8.43 -2.41
C LEU A 42 -4.87 7.55 -3.64
N ASN A 43 -3.93 6.62 -3.60
CA ASN A 43 -3.72 5.69 -4.71
C ASN A 43 -4.61 4.45 -4.70
N ARG A 44 -5.43 4.32 -3.66
CA ARG A 44 -6.32 3.17 -3.50
C ARG A 44 -5.53 1.87 -3.45
N ASN A 45 -4.39 1.92 -2.73
CA ASN A 45 -3.58 0.74 -2.47
C ASN A 45 -4.17 -0.10 -1.33
N PRO A 46 -3.79 -1.37 -1.21
CA PRO A 46 -4.26 -2.17 -0.08
C PRO A 46 -3.82 -1.51 1.24
N LEU A 47 -4.72 -1.54 2.19
CA LEU A 47 -4.55 -0.82 3.43
C LEU A 47 -4.03 -1.83 4.41
N GLU A 48 -2.72 -2.02 4.40
CA GLU A 48 -2.10 -3.09 5.21
C GLU A 48 -1.46 -2.61 6.50
N SER A 49 -1.77 -1.38 6.93
CA SER A 49 -1.45 -0.91 8.26
C SER A 49 -2.70 -0.33 8.90
N ARG A 50 -2.79 -0.42 10.22
CA ARG A 50 -3.95 0.17 10.88
C ARG A 50 -4.07 1.67 10.59
N THR A 51 -2.94 2.37 10.56
CA THR A 51 -2.99 3.81 10.33
C THR A 51 -3.66 4.13 9.00
N ALA A 52 -3.26 3.43 7.94
CA ALA A 52 -3.84 3.62 6.61
C ALA A 52 -5.34 3.28 6.60
N GLN A 53 -5.70 2.20 7.29
CA GLN A 53 -7.10 1.79 7.39
C GLN A 53 -7.90 2.88 8.06
N CYS A 54 -7.39 3.41 9.18
CA CYS A 54 -8.08 4.44 9.95
C CYS A 54 -8.13 5.75 9.20
N LEU A 55 -7.09 6.05 8.45
CA LEU A 55 -7.09 7.29 7.65
C LEU A 55 -8.16 7.27 6.58
N LEU A 56 -8.25 6.17 5.81
CA LEU A 56 -9.32 6.08 4.83
C LEU A 56 -10.69 6.11 5.49
N ALA A 57 -10.84 5.43 6.65
CA ALA A 57 -12.13 5.35 7.28
C ALA A 57 -12.57 6.75 7.69
N CYS A 58 -11.64 7.54 8.21
CA CYS A 58 -11.94 8.90 8.59
C CYS A 58 -12.40 9.69 7.36
N ALA A 59 -11.65 9.57 6.27
CA ALA A 59 -12.00 10.30 5.07
C ALA A 59 -13.34 9.87 4.43
N LEU A 60 -13.68 8.60 4.49
CA LEU A 60 -14.94 8.11 3.97
C LEU A 60 -16.08 8.55 4.87
N ASP A 61 -15.84 8.67 6.16
CA ASP A 61 -16.84 9.30 7.03
C ASP A 61 -17.04 10.76 6.61
N LYS A 62 -15.95 11.47 6.37
CA LYS A 62 -16.04 12.84 5.91
C LYS A 62 -16.80 13.01 4.59
N VAL A 63 -16.66 12.08 3.66
CA VAL A 63 -17.30 12.19 2.34
C VAL A 63 -18.77 11.79 2.37
N GLY A 64 -19.19 11.19 3.48
CA GLY A 64 -20.59 10.84 3.72
C GLY A 64 -21.00 9.40 3.56
N LEU A 65 -20.03 8.48 3.55
CA LEU A 65 -20.29 7.07 3.29
C LEU A 65 -20.66 6.30 4.53
N ILE A 66 -20.44 6.87 5.71
CA ILE A 66 -20.64 6.11 6.95
C ILE A 66 -21.81 6.67 7.75
N SER A 67 -22.73 5.78 8.11
CA SER A 67 -23.94 6.16 8.79
C SER A 67 -23.69 6.46 10.26
N PRO A 68 -24.64 7.08 10.94
CA PRO A 68 -24.47 7.39 12.36
C PRO A 68 -24.16 6.16 13.22
N GLU A 69 -24.63 4.99 12.82
CA GLU A 69 -24.36 3.78 13.60
C GLU A 69 -23.11 3.05 13.13
N GLY A 70 -22.39 3.70 12.20
CA GLY A 70 -21.06 3.26 11.81
C GLY A 70 -21.06 2.22 10.74
N ALA A 71 -22.13 2.18 9.95
CA ALA A 71 -22.24 1.25 8.82
C ALA A 71 -21.98 1.97 7.51
N ILE A 72 -21.59 1.21 6.51
CA ILE A 72 -21.41 1.75 5.16
C ILE A 72 -22.79 1.87 4.51
N TYR A 73 -23.08 3.07 4.00
CA TYR A 73 -24.35 3.32 3.34
C TYR A 73 -24.55 2.43 2.12
N THR A 74 -25.80 2.08 1.89
CA THR A 74 -26.19 1.27 0.74
C THR A 74 -27.29 1.95 -0.04
N GLY A 75 -27.55 1.45 -1.23
CA GLY A 75 -28.66 1.89 -2.04
C GLY A 75 -28.61 3.38 -2.32
N ASP A 76 -29.73 4.06 -2.11
CA ASP A 76 -29.79 5.46 -2.46
C ASP A 76 -28.82 6.31 -1.66
N ASP A 77 -28.47 5.89 -0.45
CA ASP A 77 -27.59 6.67 0.41
C ASP A 77 -26.14 6.60 -0.05
N LEU A 78 -25.82 5.59 -0.86
CA LEU A 78 -24.50 5.49 -1.49
C LEU A 78 -24.35 6.46 -2.67
N MET A 79 -25.45 6.87 -3.28
CA MET A 79 -25.35 7.61 -4.54
C MET A 79 -24.63 8.96 -4.48
N PRO A 80 -24.88 9.78 -3.48
CA PRO A 80 -24.16 11.07 -3.40
C PRO A 80 -22.68 10.86 -3.30
N VAL A 81 -22.26 9.82 -2.59
CA VAL A 81 -20.84 9.53 -2.51
C VAL A 81 -20.29 9.12 -3.88
N MET A 82 -20.99 8.23 -4.58
CA MET A 82 -20.52 7.84 -5.90
C MET A 82 -20.46 9.04 -6.86
N ASN A 83 -21.43 9.93 -6.79
CA ASN A 83 -21.45 11.12 -7.64
C ASN A 83 -20.32 12.11 -7.27
N ARG A 84 -19.99 12.17 -5.99
CA ARG A 84 -18.88 13.01 -5.53
C ARG A 84 -17.52 12.46 -5.99
N LEU A 85 -17.33 11.17 -5.87
CA LEU A 85 -16.04 10.54 -6.13
C LEU A 85 -15.74 10.32 -7.61
N TYR A 86 -16.77 9.91 -8.35
CA TYR A 86 -16.63 9.45 -9.72
C TYR A 86 -17.57 10.08 -10.71
N GLY A 87 -18.82 10.29 -10.32
CA GLY A 87 -19.87 10.53 -11.29
C GLY A 87 -20.11 9.31 -12.18
N PHE A 88 -21.07 9.43 -13.08
CA PHE A 88 -21.48 8.31 -13.91
C PHE A 88 -21.36 8.63 -15.37
N ASN A 89 -20.19 9.09 -15.79
CA ASN A 89 -19.91 9.18 -17.22
C ASN A 89 -19.42 7.85 -17.81
N ASP A 90 -18.87 6.97 -16.98
CA ASP A 90 -18.32 5.69 -17.45
C ASP A 90 -19.14 4.52 -16.92
N PHE A 91 -19.36 3.51 -17.77
CA PHE A 91 -20.11 2.33 -17.37
C PHE A 91 -19.45 1.54 -16.25
N LYS A 92 -18.12 1.57 -16.18
CA LYS A 92 -17.45 0.86 -15.07
C LYS A 92 -17.88 1.37 -13.70
N THR A 93 -18.29 2.62 -13.60
CA THR A 93 -18.81 3.17 -12.35
C THR A 93 -20.15 2.59 -11.94
N VAL A 94 -20.96 2.19 -12.93
CA VAL A 94 -22.15 1.40 -12.63
C VAL A 94 -21.78 0.10 -11.89
N MET A 95 -20.80 -0.60 -12.45
CA MET A 95 -20.37 -1.83 -11.84
C MET A 95 -19.74 -1.58 -10.47
N LYS A 96 -19.01 -0.49 -10.32
CA LYS A 96 -18.39 -0.16 -9.06
C LYS A 96 -19.44 0.13 -8.02
N ALA A 97 -20.47 0.87 -8.41
CA ALA A 97 -21.57 1.12 -7.49
C ALA A 97 -22.23 -0.15 -6.99
N LYS A 98 -22.51 -1.10 -7.89
CA LYS A 98 -23.02 -2.39 -7.47
C LYS A 98 -22.08 -3.13 -6.53
N ALA A 99 -20.79 -3.14 -6.85
CA ALA A 99 -19.79 -3.79 -5.99
C ALA A 99 -19.72 -3.15 -4.61
N VAL A 100 -19.74 -1.84 -4.55
CA VAL A 100 -19.69 -1.11 -3.28
C VAL A 100 -20.93 -1.44 -2.44
N ASN A 101 -22.10 -1.40 -3.07
CA ASN A 101 -23.34 -1.78 -2.41
C ASN A 101 -23.30 -3.22 -1.87
N ASP A 102 -22.87 -4.17 -2.70
CA ASP A 102 -22.83 -5.58 -2.27
C ASP A 102 -21.81 -5.81 -1.14
N CYS A 103 -20.66 -5.15 -1.26
CA CYS A 103 -19.61 -5.25 -0.26
C CYS A 103 -20.02 -4.62 1.06
N ALA A 104 -20.76 -3.53 0.97
CA ALA A 104 -21.25 -2.89 2.17
C ALA A 104 -22.20 -3.82 2.92
N ASN A 105 -23.11 -4.44 2.19
CA ASN A 105 -24.02 -5.42 2.79
C ASN A 105 -23.26 -6.60 3.37
N GLN A 106 -22.19 -7.03 2.72
CA GLN A 106 -21.40 -8.15 3.21
C GLN A 106 -20.74 -7.88 4.57
N VAL A 107 -20.16 -6.70 4.73
CA VAL A 107 -19.34 -6.42 5.91
C VAL A 107 -20.04 -5.69 7.05
N ASN A 108 -21.17 -5.05 6.76
CA ASN A 108 -21.86 -4.29 7.79
C ASN A 108 -22.31 -5.25 8.89
N GLY A 109 -22.13 -4.82 10.13
CA GLY A 109 -22.55 -5.61 11.27
C GLY A 109 -21.38 -6.34 11.90
N ALA A 110 -20.32 -6.58 11.14
CA ALA A 110 -19.26 -7.52 11.54
C ALA A 110 -18.06 -6.84 12.20
N TYR A 111 -17.97 -5.52 12.07
CA TYR A 111 -16.77 -4.74 12.46
C TYR A 111 -17.16 -3.41 13.10
N PRO A 112 -17.35 -3.39 14.41
CA PRO A 112 -17.68 -2.15 15.11
C PRO A 112 -16.67 -1.02 14.87
N ASP A 113 -15.40 -1.38 14.73
CA ASP A 113 -14.34 -0.36 14.53
C ASP A 113 -14.32 -0.01 13.05
N ARG A 114 -14.35 1.29 12.75
CA ARG A 114 -14.53 1.65 11.35
C ARG A 114 -13.28 1.39 10.55
N CYS A 115 -12.13 1.34 11.20
CA CYS A 115 -10.91 1.00 10.45
C CYS A 115 -10.99 -0.44 9.98
N ASP A 116 -11.40 -1.36 10.88
CA ASP A 116 -11.59 -2.76 10.50
C ASP A 116 -12.66 -2.87 9.44
N LEU A 117 -13.75 -2.11 9.60
CA LEU A 117 -14.83 -2.16 8.61
C LEU A 117 -14.32 -1.81 7.24
N ILE A 118 -13.55 -0.73 7.20
CA ILE A 118 -13.03 -0.20 5.93
C ILE A 118 -11.99 -1.15 5.33
N LYS A 119 -11.18 -1.78 6.17
CA LYS A 119 -10.24 -2.81 5.69
C LYS A 119 -10.98 -3.91 4.98
N ASN A 120 -11.97 -4.49 5.64
CA ASN A 120 -12.71 -5.58 5.05
C ASN A 120 -13.59 -5.17 3.85
N PHE A 121 -14.16 -3.97 3.92
CA PHE A 121 -14.91 -3.39 2.81
C PHE A 121 -14.05 -3.23 1.56
N THR A 122 -12.86 -2.66 1.71
CA THR A 122 -12.00 -2.37 0.58
C THR A 122 -11.40 -3.66 0.01
N ASP A 123 -11.12 -4.63 0.88
CA ASP A 123 -10.68 -5.94 0.38
C ASP A 123 -11.78 -6.55 -0.51
N CYS A 124 -13.03 -6.44 -0.07
CA CYS A 124 -14.17 -6.98 -0.79
C CYS A 124 -14.30 -6.32 -2.17
N VAL A 125 -14.19 -4.99 -2.21
CA VAL A 125 -14.40 -4.24 -3.44
C VAL A 125 -13.27 -4.53 -4.44
N ARG A 126 -12.03 -4.58 -3.95
CA ARG A 126 -10.88 -4.99 -4.81
C ARG A 126 -11.09 -6.36 -5.42
N ASN A 127 -11.60 -7.30 -4.64
CA ASN A 127 -11.76 -8.68 -5.12
C ASN A 127 -13.10 -8.91 -5.79
N SER A 128 -13.82 -7.84 -6.08
CA SER A 128 -15.18 -7.96 -6.61
C SER A 128 -15.15 -7.86 -8.13
N THR B 13 3.09 -12.76 -4.23
CA THR B 13 3.62 -13.33 -5.50
C THR B 13 4.83 -14.27 -5.28
N GLN B 14 4.85 -15.37 -6.05
CA GLN B 14 5.70 -16.53 -5.76
C GLN B 14 7.16 -16.37 -6.14
N SER B 15 7.46 -15.74 -7.29
CA SER B 15 8.86 -15.61 -7.68
C SER B 15 9.64 -14.80 -6.63
N TYR B 16 9.00 -13.75 -6.08
CA TYR B 16 9.61 -12.95 -5.02
C TYR B 16 9.91 -13.82 -3.81
N LYS B 17 8.94 -14.62 -3.39
CA LYS B 17 9.10 -15.46 -2.21
C LYS B 17 10.13 -16.55 -2.39
N ASP B 18 10.14 -17.16 -3.58
CA ASP B 18 11.12 -18.22 -3.86
C ASP B 18 12.54 -17.65 -3.96
N ALA B 19 12.71 -16.46 -4.51
CA ALA B 19 14.04 -15.85 -4.61
C ALA B 19 14.51 -15.23 -3.29
N MET B 20 13.59 -14.55 -2.60
CA MET B 20 13.93 -13.86 -1.38
C MET B 20 13.95 -14.73 -0.13
N GLY B 21 13.09 -15.76 -0.06
CA GLY B 21 13.00 -16.61 1.09
C GLY B 21 14.35 -17.05 1.64
N PRO B 22 15.20 -17.70 0.82
CA PRO B 22 16.50 -18.16 1.29
C PRO B 22 17.37 -17.03 1.86
N LEU B 23 17.31 -15.87 1.24
CA LEU B 23 18.17 -14.73 1.63
C LEU B 23 17.66 -14.14 2.94
N VAL B 24 16.35 -13.96 3.05
CA VAL B 24 15.76 -13.46 4.28
C VAL B 24 16.06 -14.46 5.40
N ARG B 25 15.92 -15.76 5.14
CA ARG B 25 16.21 -16.74 6.18
C ARG B 25 17.67 -16.68 6.64
N GLU B 26 18.58 -16.55 5.69
CA GLU B 26 19.97 -16.38 6.05
C GLU B 26 20.18 -15.15 6.93
N CYS B 27 19.51 -14.06 6.57
CA CYS B 27 19.58 -12.82 7.33
C CYS B 27 19.05 -12.92 8.75
N MET B 28 18.18 -13.89 9.02
CA MET B 28 17.72 -14.12 10.40
C MET B 28 18.86 -14.47 11.30
N GLY B 29 19.93 -15.00 10.72
CA GLY B 29 21.12 -15.36 11.47
C GLY B 29 21.98 -14.19 11.88
N SER B 30 21.78 -13.06 11.23
CA SER B 30 22.58 -11.86 11.50
C SER B 30 21.77 -10.64 11.85
N VAL B 31 20.45 -10.77 11.81
CA VAL B 31 19.55 -9.69 12.24
C VAL B 31 18.61 -10.24 13.31
N SER B 32 18.48 -9.48 14.41
CA SER B 32 17.61 -9.85 15.55
C SER B 32 16.10 -9.74 15.27
N ALA B 33 15.61 -10.45 14.27
CA ALA B 33 14.24 -10.30 13.79
C ALA B 33 13.45 -11.53 14.20
N THR B 34 12.13 -11.39 14.20
CA THR B 34 11.23 -12.51 14.50
C THR B 34 10.70 -13.16 13.25
N GLU B 35 10.09 -14.33 13.43
CA GLU B 35 9.37 -14.98 12.35
C GLU B 35 8.23 -14.12 11.79
N ASP B 36 7.62 -13.28 12.63
CA ASP B 36 6.59 -12.39 12.12
C ASP B 36 7.24 -11.39 11.16
N ASP B 37 8.45 -10.95 11.52
CA ASP B 37 9.24 -10.08 10.64
C ASP B 37 9.54 -10.78 9.34
N PHE B 38 9.93 -12.07 9.41
CA PHE B 38 10.20 -12.87 8.22
C PHE B 38 8.97 -12.86 7.30
N LYS B 39 7.81 -13.15 7.87
CA LYS B 39 6.58 -13.15 7.10
C LYS B 39 6.20 -11.77 6.53
N THR B 40 6.36 -10.71 7.33
CA THR B 40 6.12 -9.35 6.86
C THR B 40 6.92 -9.04 5.64
N VAL B 41 8.18 -9.42 5.67
CA VAL B 41 9.08 -9.19 4.54
C VAL B 41 8.69 -10.04 3.34
N LEU B 42 8.47 -11.33 3.56
CA LEU B 42 8.16 -12.23 2.44
C LEU B 42 6.84 -11.84 1.77
N ASN B 43 5.92 -11.30 2.56
CA ASN B 43 4.60 -10.90 2.05
C ASN B 43 4.59 -9.47 1.51
N ARG B 44 5.71 -8.79 1.59
CA ARG B 44 5.84 -7.40 1.16
C ARG B 44 4.81 -6.50 1.83
N ASN B 45 4.55 -6.76 3.10
CA ASN B 45 3.72 -5.86 3.91
C ASN B 45 4.56 -4.69 4.42
N PRO B 46 3.91 -3.64 4.91
CA PRO B 46 4.66 -2.50 5.44
C PRO B 46 5.58 -2.93 6.56
N LEU B 47 6.80 -2.40 6.50
CA LEU B 47 7.82 -2.72 7.51
C LEU B 47 7.69 -1.82 8.72
N GLU B 48 6.76 -2.19 9.61
CA GLU B 48 6.44 -1.33 10.76
C GLU B 48 7.52 -1.41 11.83
N SER B 49 8.09 -2.59 12.05
CA SER B 49 9.12 -2.79 13.06
C SER B 49 10.51 -2.46 12.51
N ARG B 50 11.34 -1.87 13.35
CA ARG B 50 12.77 -1.66 13.02
C ARG B 50 13.46 -2.98 12.69
N THR B 51 13.12 -4.03 13.41
CA THR B 51 13.70 -5.34 13.12
C THR B 51 13.33 -5.83 11.70
N ALA B 52 12.08 -5.64 11.25
CA ALA B 52 11.69 -6.01 9.88
C ALA B 52 12.44 -5.15 8.84
N GLN B 53 12.59 -3.87 9.16
CA GLN B 53 13.30 -2.95 8.29
C GLN B 53 14.72 -3.42 8.10
N CYS B 54 15.39 -3.74 9.20
CA CYS B 54 16.79 -4.20 9.12
C CYS B 54 16.92 -5.56 8.42
N LEU B 55 15.93 -6.43 8.63
CA LEU B 55 15.89 -7.74 8.01
C LEU B 55 15.86 -7.62 6.50
N LEU B 56 14.97 -6.79 5.98
CA LEU B 56 14.89 -6.57 4.52
C LEU B 56 16.16 -5.89 4.02
N ALA B 57 16.70 -4.95 4.79
CA ALA B 57 17.95 -4.32 4.41
C ALA B 57 19.05 -5.35 4.17
N CYS B 58 19.16 -6.33 5.06
CA CYS B 58 20.16 -7.34 4.92
C CYS B 58 19.91 -8.15 3.63
N ALA B 59 18.67 -8.53 3.39
CA ALA B 59 18.34 -9.37 2.23
C ALA B 59 18.51 -8.65 0.89
N LEU B 60 18.22 -7.35 0.87
CA LEU B 60 18.42 -6.56 -0.34
C LEU B 60 19.88 -6.39 -0.66
N ASP B 61 20.72 -6.29 0.37
CA ASP B 61 22.14 -6.27 0.15
C ASP B 61 22.56 -7.64 -0.44
N LYS B 62 22.09 -8.73 0.16
CA LYS B 62 22.44 -10.07 -0.35
C LYS B 62 22.05 -10.30 -1.80
N VAL B 63 20.90 -9.80 -2.21
CA VAL B 63 20.36 -10.05 -3.53
C VAL B 63 20.99 -9.15 -4.61
N GLY B 64 21.72 -8.13 -4.20
CA GLY B 64 22.46 -7.31 -5.15
C GLY B 64 21.88 -5.95 -5.44
N LEU B 65 20.96 -5.46 -4.62
CA LEU B 65 20.31 -4.18 -4.88
C LEU B 65 21.06 -2.99 -4.28
N ILE B 66 22.02 -3.25 -3.40
CA ILE B 66 22.69 -2.19 -2.66
C ILE B 66 24.17 -2.14 -3.00
N SER B 67 24.63 -0.95 -3.36
CA SER B 67 26.02 -0.75 -3.73
C SER B 67 26.89 -0.85 -2.47
N PRO B 68 28.19 -1.03 -2.63
CA PRO B 68 29.12 -1.09 -1.48
C PRO B 68 29.01 0.14 -0.55
N GLU B 69 28.63 1.28 -1.12
CA GLU B 69 28.44 2.54 -0.36
C GLU B 69 27.09 2.67 0.32
N GLY B 70 26.17 1.77 0.02
CA GLY B 70 24.89 1.74 0.69
C GLY B 70 23.78 2.42 -0.09
N ALA B 71 24.02 2.63 -1.38
CA ALA B 71 23.02 3.20 -2.25
C ALA B 71 22.22 2.11 -2.95
N ILE B 72 20.95 2.35 -3.14
CA ILE B 72 20.11 1.48 -3.97
C ILE B 72 20.42 1.71 -5.45
N TYR B 73 20.68 0.63 -6.19
CA TYR B 73 21.00 0.75 -7.62
C TYR B 73 19.81 1.25 -8.46
N THR B 74 20.15 1.95 -9.53
CA THR B 74 19.16 2.56 -10.40
C THR B 74 19.45 2.20 -11.85
N GLY B 75 18.48 2.50 -12.69
CA GLY B 75 18.65 2.31 -14.11
C GLY B 75 18.99 0.88 -14.45
N ASP B 76 19.94 0.72 -15.36
CA ASP B 76 20.36 -0.60 -15.80
C ASP B 76 20.88 -1.47 -14.65
N ASP B 77 21.48 -0.86 -13.61
CA ASP B 77 22.03 -1.63 -12.49
C ASP B 77 20.97 -2.33 -11.65
N LEU B 78 19.70 -1.91 -11.76
CA LEU B 78 18.67 -2.53 -10.98
C LEU B 78 18.10 -3.75 -11.69
N MET B 79 18.36 -3.85 -12.99
CA MET B 79 17.69 -4.85 -13.80
C MET B 79 18.06 -6.31 -13.42
N PRO B 80 19.33 -6.60 -13.18
CA PRO B 80 19.70 -7.94 -12.74
C PRO B 80 18.93 -8.34 -11.50
N VAL B 81 18.73 -7.43 -10.54
CA VAL B 81 17.95 -7.77 -9.36
C VAL B 81 16.46 -8.01 -9.68
N MET B 82 15.85 -7.15 -10.51
CA MET B 82 14.47 -7.37 -10.88
C MET B 82 14.26 -8.72 -11.59
N ASN B 83 15.21 -9.10 -12.43
CA ASN B 83 15.18 -10.38 -13.19
C ASN B 83 15.43 -11.61 -12.30
N ARG B 84 16.12 -11.42 -11.18
CA ARG B 84 16.27 -12.50 -10.21
C ARG B 84 15.00 -12.69 -9.41
N LEU B 85 14.30 -11.61 -9.14
CA LEU B 85 13.13 -11.61 -8.26
C LEU B 85 11.84 -11.89 -9.03
N TYR B 86 11.86 -11.56 -10.33
CA TYR B 86 10.69 -11.58 -11.23
C TYR B 86 11.02 -12.07 -12.64
N GLY B 87 10.02 -12.59 -13.36
CA GLY B 87 10.22 -13.10 -14.71
C GLY B 87 9.78 -12.12 -15.79
N PHE B 88 9.39 -10.92 -15.36
CA PHE B 88 8.72 -9.96 -16.24
C PHE B 88 7.56 -10.55 -17.07
N ASN B 89 6.76 -11.40 -16.43
CA ASN B 89 5.57 -11.94 -17.05
C ASN B 89 4.34 -11.08 -16.80
N ASP B 90 4.43 -10.15 -15.86
CA ASP B 90 3.31 -9.33 -15.48
C ASP B 90 3.68 -7.85 -15.67
N PHE B 91 2.75 -7.05 -16.13
CA PHE B 91 3.00 -5.65 -16.36
C PHE B 91 3.29 -4.94 -15.03
N LYS B 92 2.72 -5.42 -13.93
CA LYS B 92 3.01 -4.78 -12.63
C LYS B 92 4.52 -4.76 -12.36
N THR B 93 5.24 -5.74 -12.86
CA THR B 93 6.69 -5.78 -12.66
C THR B 93 7.42 -4.65 -13.40
N VAL B 94 6.90 -4.27 -14.58
CA VAL B 94 7.39 -3.10 -15.29
C VAL B 94 7.25 -1.87 -14.38
N MET B 95 6.06 -1.72 -13.81
CA MET B 95 5.77 -0.54 -12.99
C MET B 95 6.62 -0.55 -11.69
N LYS B 96 6.87 -1.74 -11.14
CA LYS B 96 7.72 -1.91 -9.95
C LYS B 96 9.17 -1.56 -10.27
N ALA B 97 9.67 -1.93 -11.46
CA ALA B 97 11.05 -1.59 -11.83
C ALA B 97 11.20 -0.07 -11.89
N LYS B 98 10.23 0.59 -12.50
CA LYS B 98 10.25 2.05 -12.60
C LYS B 98 10.16 2.65 -11.20
N ALA B 99 9.31 2.06 -10.34
CA ALA B 99 9.19 2.55 -8.95
C ALA B 99 10.49 2.39 -8.16
N VAL B 100 11.19 1.28 -8.34
CA VAL B 100 12.47 1.07 -7.65
C VAL B 100 13.45 2.15 -8.08
N ASN B 101 13.53 2.40 -9.39
CA ASN B 101 14.41 3.43 -9.89
C ASN B 101 14.07 4.79 -9.29
N ASP B 102 12.80 5.13 -9.36
CA ASP B 102 12.35 6.50 -9.01
C ASP B 102 12.48 6.72 -7.52
N CYS B 103 12.17 5.68 -6.76
CA CYS B 103 12.22 5.78 -5.29
C CYS B 103 13.66 5.78 -4.80
N ALA B 104 14.52 5.03 -5.46
CA ALA B 104 15.96 5.09 -5.17
C ALA B 104 16.46 6.53 -5.34
N ASN B 105 16.03 7.16 -6.43
CA ASN B 105 16.40 8.56 -6.68
C ASN B 105 15.80 9.58 -5.71
N GLN B 106 14.83 9.18 -4.92
CA GLN B 106 14.32 10.05 -3.87
C GLN B 106 14.98 9.81 -2.52
N VAL B 107 15.38 8.57 -2.22
CA VAL B 107 15.86 8.28 -0.87
C VAL B 107 17.37 8.12 -0.76
N ASN B 108 18.07 7.92 -1.87
CA ASN B 108 19.51 7.60 -1.79
C ASN B 108 20.25 8.75 -1.08
N GLY B 109 21.00 8.39 -0.05
CA GLY B 109 21.71 9.37 0.79
C GLY B 109 20.86 10.24 1.71
N ALA B 110 19.55 10.04 1.77
CA ALA B 110 18.72 10.90 2.61
C ALA B 110 18.57 10.37 4.04
N TYR B 111 19.09 9.16 4.29
CA TYR B 111 18.88 8.50 5.58
C TYR B 111 20.18 7.79 6.02
N PRO B 112 20.86 8.31 7.04
CA PRO B 112 22.11 7.69 7.53
C PRO B 112 21.99 6.27 8.10
N ASP B 113 20.80 5.91 8.59
CA ASP B 113 20.60 4.58 9.12
C ASP B 113 20.07 3.72 7.99
N ARG B 114 20.70 2.57 7.80
CA ARG B 114 20.39 1.67 6.68
C ARG B 114 18.98 1.12 6.72
N CYS B 115 18.48 0.90 7.94
CA CYS B 115 17.17 0.30 8.10
C CYS B 115 16.12 1.38 7.79
N ASP B 116 16.37 2.61 8.24
CA ASP B 116 15.52 3.76 7.87
C ASP B 116 15.46 3.97 6.34
N LEU B 117 16.60 3.86 5.68
CA LEU B 117 16.67 3.98 4.22
C LEU B 117 15.70 3.01 3.56
N ILE B 118 15.73 1.77 4.02
CA ILE B 118 14.90 0.74 3.41
C ILE B 118 13.44 0.91 3.79
N LYS B 119 13.15 1.42 4.99
CA LYS B 119 11.76 1.69 5.36
C LYS B 119 11.20 2.71 4.36
N ASN B 120 11.92 3.81 4.19
CA ASN B 120 11.43 4.87 3.29
C ASN B 120 11.40 4.49 1.84
N PHE B 121 12.41 3.75 1.42
CA PHE B 121 12.45 3.18 0.10
C PHE B 121 11.23 2.33 -0.19
N THR B 122 10.92 1.40 0.71
CA THR B 122 9.80 0.46 0.45
C THR B 122 8.45 1.13 0.53
N ASP B 123 8.30 2.08 1.42
CA ASP B 123 7.06 2.84 1.50
C ASP B 123 6.84 3.56 0.16
N CYS B 124 7.91 4.16 -0.35
CA CYS B 124 7.86 4.87 -1.63
C CYS B 124 7.44 3.94 -2.76
N VAL B 125 8.07 2.79 -2.84
CA VAL B 125 7.85 1.85 -3.91
C VAL B 125 6.37 1.42 -3.92
N ARG B 126 5.84 1.13 -2.75
CA ARG B 126 4.48 0.64 -2.66
C ARG B 126 3.52 1.71 -3.18
N ASN B 127 3.89 2.98 -3.03
CA ASN B 127 3.04 4.08 -3.50
C ASN B 127 3.34 4.62 -4.88
N SER B 128 4.15 3.88 -5.60
CA SER B 128 4.68 4.33 -6.86
C SER B 128 4.36 3.41 -8.03
N TYR B 129 3.63 2.31 -7.78
CA TYR B 129 3.06 1.46 -8.85
C TYR B 129 1.65 0.97 -8.48
C4 HBS C . -13.82 1.26 -2.10
C3 HBS C . -13.74 2.53 -2.93
O7 HBS C . -12.47 3.13 -2.65
C2 HBS C . -14.88 3.50 -2.66
C1 HBS C . -15.01 4.12 -1.31
O2 HBS C . -15.68 3.79 -3.56
C4 HBR D . -13.63 1.77 -2.17
C3 HBR D . -13.91 3.27 -2.33
O7 HBR D . -12.86 3.81 -3.13
C2 HBR D . -15.26 3.54 -2.98
C1 HBR D . -16.40 3.96 -2.10
O2 HBR D . -15.42 3.43 -4.20
C4 HBS E . 10.62 -3.43 -2.68
C3 HBS E . 10.80 -4.84 -3.28
O7 HBS E . 11.57 -5.63 -2.38
C2 HBS E . 11.50 -4.80 -4.62
C1 HBS E . 12.95 -4.42 -4.67
O2 HBS E . 10.90 -5.09 -5.65
C4 HBR F . 11.58 -3.30 -2.03
C3 HBR F . 11.66 -4.70 -2.63
O7 HBR F . 10.53 -5.43 -2.17
C2 HBR F . 11.64 -4.65 -4.14
C1 HBR F . 12.79 -5.21 -4.92
O2 HBR F . 10.68 -4.13 -4.70
#